data_7VWK
#
_entry.id   7VWK
#
_cell.length_a   51.679
_cell.length_b   58.708
_cell.length_c   82.502
_cell.angle_alpha   90.000
_cell.angle_beta   96.280
_cell.angle_gamma   90.000
#
_symmetry.space_group_name_H-M   'P 1 21 1'
#
loop_
_entity.id
_entity.type
_entity.pdbx_description
1 polymer 'Polyketide synthase'
2 water water
#
_entity_poly.entity_id   1
_entity_poly.type   'polypeptide(L)'
_entity_poly.pdbx_seq_one_letter_code
;DSHTLLGTPGGVAGSDLRLWHSTLDDDSRPYPGSHALNGVEIVPAAVLAVTFLAAGAEGEERRALQDMTMTHPVLTAGQR
QIQVVREGEVVRLASRTVADAADPNPAWLVHAEARTAAPDLAGLAARSLLDPGEHRLEPADPGLVSRRLAEVGVPSTGFD
WSVERLSAGLGVLHAQVLSPDASSWAPLLDAVMSIAPAAFVGLPQLRMVVHVDEITVDGTPPEAATVEVALDPRVADTVH
ALVTDGEGRPVASLRGLRYP
;
_entity_poly.pdbx_strand_id   A,B
#
# COMPACT_ATOMS: atom_id res chain seq x y z
N ASP A 1 5.19 15.67 15.39
CA ASP A 1 5.89 16.96 15.71
C ASP A 1 6.64 17.55 14.51
N SER A 2 6.74 16.77 13.43
CA SER A 2 7.11 17.31 12.11
C SER A 2 5.96 18.12 11.47
N HIS A 3 4.81 18.14 12.14
CA HIS A 3 3.60 18.78 11.61
C HIS A 3 2.90 17.94 10.53
N THR A 4 3.41 16.74 10.27
CA THR A 4 2.77 15.84 9.33
C THR A 4 2.04 14.71 10.01
N LEU A 5 1.20 14.03 9.21
CA LEU A 5 0.57 12.82 9.65
C LEU A 5 1.29 11.57 9.08
N LEU A 6 2.56 11.72 8.70
CA LEU A 6 3.36 10.59 8.26
C LEU A 6 3.86 9.85 9.50
N GLY A 7 3.37 8.63 9.71
CA GLY A 7 3.86 7.78 10.78
C GLY A 7 4.89 6.78 10.29
N THR A 8 4.69 5.51 10.62
CA THR A 8 5.68 4.47 10.35
C THR A 8 5.66 4.11 8.88
N PRO A 9 6.82 4.18 8.20
CA PRO A 9 6.84 3.74 6.82
C PRO A 9 6.51 2.27 6.72
N GLY A 10 5.82 1.91 5.65
CA GLY A 10 5.49 0.56 5.35
C GLY A 10 5.66 0.33 3.85
N GLY A 11 5.96 -0.90 3.50
CA GLY A 11 6.24 -1.27 2.15
C GLY A 11 5.36 -2.41 1.69
N VAL A 12 5.15 -2.48 0.39
CA VAL A 12 4.60 -3.62 -0.24
C VAL A 12 5.71 -4.30 -1.04
N ALA A 13 6.01 -5.55 -0.67
CA ALA A 13 7.06 -6.30 -1.31
C ALA A 13 6.86 -6.34 -2.81
N GLY A 14 7.92 -6.01 -3.56
CA GLY A 14 7.90 -6.10 -5.02
C GLY A 14 7.24 -4.89 -5.68
N SER A 15 6.97 -3.87 -4.90
CA SER A 15 6.20 -2.72 -5.38
C SER A 15 6.89 -1.45 -4.95
N ASP A 16 6.81 -0.43 -5.79
CA ASP A 16 7.36 0.90 -5.45
C ASP A 16 6.34 1.81 -4.71
N LEU A 17 5.13 1.30 -4.49
CA LEU A 17 4.19 1.93 -3.54
C LEU A 17 4.94 2.37 -2.24
N ARG A 18 4.63 3.55 -1.74
CA ARG A 18 5.06 3.93 -0.39
C ARG A 18 3.85 4.15 0.51
N LEU A 19 3.93 3.59 1.72
CA LEU A 19 2.88 3.74 2.72
C LEU A 19 3.46 4.31 3.99
N TRP A 20 2.65 5.08 4.73
CA TRP A 20 2.94 5.40 6.11
C TRP A 20 1.67 5.21 6.95
N HIS A 21 1.84 4.65 8.15
CA HIS A 21 0.70 4.40 9.04
C HIS A 21 0.91 5.07 10.37
N SER A 22 -0.19 5.54 10.90
CA SER A 22 -0.21 6.23 12.15
C SER A 22 -1.56 6.15 12.82
N THR A 23 -1.64 6.46 14.11
CA THR A 23 -2.91 6.55 14.80
C THR A 23 -3.12 7.99 15.24
N LEU A 24 -4.31 8.50 15.03
CA LEU A 24 -4.60 9.86 15.40
C LEU A 24 -5.61 9.88 16.54
N ASP A 25 -5.29 10.62 17.59
CA ASP A 25 -6.31 11.07 18.56
C ASP A 25 -5.95 12.43 19.12
N ASP A 26 -6.73 12.89 20.11
CA ASP A 26 -6.60 14.26 20.61
C ASP A 26 -5.26 14.53 21.32
N ASP A 27 -4.55 13.46 21.69
CA ASP A 27 -3.28 13.58 22.40
C ASP A 27 -2.07 13.29 21.52
N SER A 28 -2.32 13.13 20.22
CA SER A 28 -1.25 12.89 19.24
C SER A 28 -1.45 13.77 18.00
N ARG A 29 -1.97 14.99 18.20
CA ARG A 29 -2.09 15.94 17.12
C ARG A 29 -0.72 16.50 16.74
N PRO A 30 -0.38 16.44 15.43
CA PRO A 30 0.97 16.76 14.98
C PRO A 30 1.26 18.26 15.02
N TYR A 31 0.24 19.05 15.28
CA TYR A 31 0.38 20.49 15.44
C TYR A 31 0.21 20.89 16.92
N PRO A 32 0.68 22.10 17.30
CA PRO A 32 0.70 22.48 18.73
C PRO A 32 -0.68 22.87 19.29
N GLY A 33 -1.41 23.72 18.56
CA GLY A 33 -2.52 24.46 19.15
C GLY A 33 -3.86 23.72 19.09
N SER A 34 -4.94 24.48 18.91
CA SER A 34 -6.23 23.90 18.55
C SER A 34 -6.78 24.54 17.27
N HIS A 35 -7.37 23.73 16.41
CA HIS A 35 -8.08 24.18 15.20
C HIS A 35 -9.39 23.46 15.37
N ALA A 36 -10.45 24.16 15.77
CA ALA A 36 -11.70 23.51 16.19
C ALA A 36 -12.93 24.36 15.87
N LEU A 37 -13.96 23.72 15.32
CA LEU A 37 -15.32 24.28 15.26
C LEU A 37 -16.11 23.91 16.54
N ASN A 38 -16.46 24.90 17.35
CA ASN A 38 -17.09 24.67 18.66
C ASN A 38 -16.75 23.28 19.27
N GLY A 39 -15.46 23.06 19.60
CA GLY A 39 -15.03 21.79 20.22
C GLY A 39 -15.01 20.60 19.26
N VAL A 40 -15.07 20.87 17.96
CA VAL A 40 -14.82 19.85 16.95
C VAL A 40 -13.45 20.08 16.31
N GLU A 41 -12.47 19.29 16.73
CA GLU A 41 -11.09 19.48 16.27
C GLU A 41 -10.93 18.87 14.88
N ILE A 42 -10.40 19.68 13.97
CA ILE A 42 -10.24 19.31 12.56
C ILE A 42 -8.78 19.52 12.23
N VAL A 43 -8.14 18.55 11.59
CA VAL A 43 -6.79 18.71 11.14
C VAL A 43 -6.73 19.84 10.10
N PRO A 44 -5.89 20.85 10.35
CA PRO A 44 -5.74 21.97 9.41
C PRO A 44 -5.28 21.51 8.03
N ALA A 45 -5.73 22.21 7.01
CA ALA A 45 -5.32 21.93 5.66
C ALA A 45 -3.79 22.01 5.52
N ALA A 46 -3.15 22.90 6.30
CA ALA A 46 -1.68 23.05 6.22
C ALA A 46 -0.99 21.74 6.57
N VAL A 47 -1.54 21.00 7.51
CA VAL A 47 -0.97 19.73 7.91
C VAL A 47 -1.08 18.70 6.78
N LEU A 48 -2.23 18.68 6.13
CA LEU A 48 -2.43 17.83 4.96
C LEU A 48 -1.43 18.18 3.87
N ALA A 49 -1.25 19.47 3.63
CA ALA A 49 -0.31 19.95 2.61
C ALA A 49 1.13 19.52 2.89
N VAL A 50 1.61 19.75 4.10
CA VAL A 50 2.99 19.38 4.42
C VAL A 50 3.16 17.87 4.48
N THR A 51 2.12 17.15 4.86
CA THR A 51 2.12 15.68 4.78
C THR A 51 2.34 15.23 3.33
N PHE A 52 1.63 15.86 2.41
CA PHE A 52 1.75 15.50 1.00
C PHE A 52 3.08 15.96 0.39
N LEU A 53 3.58 17.10 0.85
CA LEU A 53 4.92 17.57 0.46
C LEU A 53 5.99 16.61 0.89
N ALA A 54 5.91 16.14 2.14
CA ALA A 54 6.88 15.19 2.67
C ALA A 54 6.77 13.82 1.99
N ALA A 55 5.54 13.37 1.76
CA ALA A 55 5.32 12.07 1.13
C ALA A 55 5.78 12.10 -0.33
N GLY A 56 5.62 13.26 -0.98
CA GLY A 56 6.07 13.45 -2.36
C GLY A 56 7.58 13.41 -2.50
N ALA A 57 8.30 13.87 -1.48
CA ALA A 57 9.73 14.19 -1.63
C ALA A 57 10.66 13.19 -0.91
N GLU A 58 10.15 11.99 -0.62
CA GLU A 58 10.80 11.08 0.36
C GLU A 58 12.09 10.45 -0.20
N GLY A 59 12.01 9.91 -1.41
CA GLY A 59 13.17 9.34 -2.07
C GLY A 59 13.73 10.24 -3.16
N GLU A 60 13.44 11.54 -3.05
CA GLU A 60 13.61 12.47 -4.16
C GLU A 60 13.91 13.88 -3.64
N GLU A 61 13.94 14.84 -4.56
CA GLU A 61 13.93 16.25 -4.21
C GLU A 61 12.49 16.72 -3.98
N ARG A 62 12.32 18.00 -3.63
CA ARG A 62 11.01 18.50 -3.24
C ARG A 62 10.05 18.57 -4.42
N ARG A 63 8.77 18.36 -4.12
CA ARG A 63 7.73 18.41 -5.11
C ARG A 63 6.82 19.61 -4.88
N ALA A 64 6.18 20.05 -5.95
CA ALA A 64 4.97 20.86 -5.84
C ALA A 64 3.78 19.92 -5.83
N LEU A 65 2.67 20.42 -5.32
CA LEU A 65 1.43 19.70 -5.33
C LEU A 65 0.52 20.33 -6.31
N GLN A 66 -0.25 19.50 -6.99
CA GLN A 66 -1.26 19.98 -7.92
C GLN A 66 -2.54 19.25 -7.66
N ASP A 67 -3.64 19.97 -7.83
CA ASP A 67 -4.98 19.43 -7.68
C ASP A 67 -5.14 18.71 -6.38
N MET A 68 -4.77 19.39 -5.30
CA MET A 68 -5.00 18.88 -3.99
C MET A 68 -6.48 19.05 -3.60
N THR A 69 -7.14 17.93 -3.41
CA THR A 69 -8.54 17.92 -3.02
C THR A 69 -8.65 17.50 -1.59
N MET A 70 -9.46 18.23 -0.84
CA MET A 70 -9.71 17.89 0.53
C MET A 70 -11.19 17.66 0.70
N THR A 71 -11.58 16.44 0.43
CA THR A 71 -12.98 16.07 0.24
C THR A 71 -13.69 15.92 1.58
N HIS A 72 -13.04 15.22 2.50
CA HIS A 72 -13.60 14.99 3.82
C HIS A 72 -12.63 15.42 4.88
N PRO A 73 -13.08 16.24 5.84
CA PRO A 73 -12.18 16.67 6.90
C PRO A 73 -11.70 15.49 7.75
N VAL A 74 -10.47 15.59 8.23
CA VAL A 74 -9.94 14.62 9.14
C VAL A 74 -10.23 15.11 10.57
N LEU A 75 -11.04 14.37 11.30
CA LEU A 75 -11.33 14.69 12.71
C LEU A 75 -10.35 13.98 13.68
N THR A 76 -10.07 14.61 14.82
CA THR A 76 -9.18 14.02 15.84
C THR A 76 -9.93 13.30 16.98
N ALA A 77 -11.25 13.40 16.96
CA ALA A 77 -12.07 12.91 18.06
C ALA A 77 -12.07 11.40 18.07
N GLY A 78 -11.97 10.81 19.25
CA GLY A 78 -11.76 9.38 19.38
C GLY A 78 -10.42 8.96 18.82
N GLN A 79 -10.35 7.74 18.32
CA GLN A 79 -9.12 7.20 17.77
C GLN A 79 -9.37 6.66 16.37
N ARG A 80 -8.43 6.92 15.47
CA ARG A 80 -8.53 6.50 14.08
C ARG A 80 -7.15 6.12 13.58
N GLN A 81 -7.10 5.14 12.70
CA GLN A 81 -5.87 4.81 12.00
C GLN A 81 -5.75 5.66 10.73
N ILE A 82 -4.53 6.12 10.45
CA ILE A 82 -4.24 6.96 9.29
C ILE A 82 -3.31 6.22 8.35
N GLN A 83 -3.62 6.25 7.05
CA GLN A 83 -2.71 5.76 6.04
C GLN A 83 -2.42 6.85 5.04
N VAL A 84 -1.14 7.12 4.81
CA VAL A 84 -0.72 7.96 3.71
C VAL A 84 -0.08 7.11 2.65
N VAL A 85 -0.45 7.36 1.41
CA VAL A 85 -0.06 6.52 0.30
C VAL A 85 0.61 7.40 -0.74
N ARG A 86 1.78 6.99 -1.21
CA ARG A 86 2.32 7.52 -2.44
C ARG A 86 2.35 6.44 -3.50
N GLU A 87 1.59 6.64 -4.56
CA GLU A 87 1.53 5.71 -5.66
C GLU A 87 1.82 6.47 -6.94
N GLY A 88 3.04 6.32 -7.43
CA GLY A 88 3.50 7.09 -8.58
C GLY A 88 3.56 8.58 -8.25
N GLU A 89 2.80 9.37 -8.98
CA GLU A 89 2.73 10.80 -8.75
C GLU A 89 1.47 11.18 -7.95
N VAL A 90 0.80 10.20 -7.37
CA VAL A 90 -0.42 10.47 -6.59
C VAL A 90 -0.13 10.24 -5.12
N VAL A 91 -0.55 11.19 -4.30
CA VAL A 91 -0.53 10.98 -2.85
C VAL A 91 -1.94 11.07 -2.28
N ARG A 92 -2.22 10.21 -1.30
CA ARG A 92 -3.54 10.13 -0.67
C ARG A 92 -3.38 10.06 0.82
N LEU A 93 -4.36 10.59 1.53
CA LEU A 93 -4.47 10.45 2.97
C LEU A 93 -5.81 9.83 3.27
N ALA A 94 -5.79 8.74 4.04
CA ALA A 94 -6.99 8.00 4.37
C ALA A 94 -7.05 7.71 5.86
N SER A 95 -8.25 7.46 6.36
CA SER A 95 -8.41 7.01 7.76
C SER A 95 -9.43 5.92 7.85
N ARG A 96 -9.35 5.17 8.92
CA ARG A 96 -10.35 4.18 9.21
C ARG A 96 -10.45 3.96 10.71
N THR A 97 -11.55 3.34 11.12
CA THR A 97 -11.70 2.84 12.49
C THR A 97 -10.55 1.91 12.84
N VAL A 98 -10.09 1.99 14.07
CA VAL A 98 -9.00 1.15 14.54
C VAL A 98 -9.42 -0.31 14.45
N ALA A 99 -8.65 -1.09 13.67
CA ALA A 99 -8.92 -2.49 13.46
C ALA A 99 -8.99 -3.25 14.81
N ASP A 100 -9.90 -4.22 14.89
CA ASP A 100 -9.91 -5.14 16.01
C ASP A 100 -10.34 -6.51 15.52
N ALA A 101 -10.41 -7.46 16.45
CA ALA A 101 -10.60 -8.86 16.08
C ALA A 101 -11.87 -9.06 15.28
N ALA A 102 -12.91 -8.29 15.61
CA ALA A 102 -14.21 -8.41 14.94
C ALA A 102 -14.20 -7.72 13.56
N ASP A 103 -13.36 -6.69 13.41
CA ASP A 103 -13.22 -5.99 12.12
C ASP A 103 -11.71 -5.76 11.83
N PRO A 104 -11.02 -6.80 11.38
CA PRO A 104 -9.55 -6.74 11.34
C PRO A 104 -9.02 -5.95 10.11
N ASN A 105 -9.90 -5.60 9.19
CA ASN A 105 -9.53 -4.80 8.03
C ASN A 105 -10.68 -3.89 7.61
N PRO A 106 -11.04 -2.90 8.46
CA PRO A 106 -12.06 -1.94 8.08
C PRO A 106 -11.67 -1.15 6.83
N ALA A 107 -12.65 -0.75 6.03
CA ALA A 107 -12.39 -0.05 4.79
C ALA A 107 -11.85 1.37 5.05
N TRP A 108 -10.98 1.84 4.15
CA TRP A 108 -10.39 3.17 4.26
C TRP A 108 -11.37 4.22 3.74
N LEU A 109 -11.37 5.37 4.40
CA LEU A 109 -11.99 6.58 3.84
C LEU A 109 -10.89 7.50 3.33
N VAL A 110 -10.89 7.81 2.03
CA VAL A 110 -9.93 8.74 1.47
C VAL A 110 -10.39 10.18 1.74
N HIS A 111 -9.60 10.93 2.51
CA HIS A 111 -9.93 12.32 2.89
C HIS A 111 -9.48 13.31 1.85
N ALA A 112 -8.30 13.06 1.31
CA ALA A 112 -7.60 14.02 0.51
C ALA A 112 -6.64 13.31 -0.42
N GLU A 113 -6.37 13.94 -1.53
CA GLU A 113 -5.52 13.41 -2.55
C GLU A 113 -4.88 14.58 -3.29
N ALA A 114 -3.68 14.37 -3.80
CA ALA A 114 -3.08 15.32 -4.69
C ALA A 114 -2.20 14.62 -5.72
N ARG A 115 -1.76 15.38 -6.69
CA ARG A 115 -0.71 14.92 -7.57
C ARG A 115 0.55 15.68 -7.25
N THR A 116 1.68 14.98 -7.27
CA THR A 116 2.98 15.62 -7.12
C THR A 116 3.57 15.98 -8.49
N ALA A 117 4.42 16.99 -8.50
CA ALA A 117 5.02 17.47 -9.75
C ALA A 117 6.27 18.21 -9.45
N ALA A 118 7.12 18.33 -10.46
CA ALA A 118 8.33 19.10 -10.37
C ALA A 118 7.97 20.57 -10.16
N PRO A 119 8.52 21.17 -9.13
CA PRO A 119 8.13 22.56 -8.84
C PRO A 119 8.61 23.56 -9.93
N ASP A 120 7.73 24.48 -10.29
CA ASP A 120 8.05 25.55 -11.26
C ASP A 120 8.68 26.76 -10.55
N LEU A 121 9.97 26.67 -10.25
CA LEU A 121 10.65 27.67 -9.44
C LEU A 121 10.96 28.97 -10.19
N ALA A 122 11.12 28.88 -11.51
CA ALA A 122 11.30 30.07 -12.34
C ALA A 122 9.98 30.82 -12.45
N GLY A 123 8.89 30.06 -12.60
CA GLY A 123 7.56 30.63 -12.48
C GLY A 123 7.39 31.35 -11.15
N LEU A 124 7.73 30.66 -10.08
CA LEU A 124 7.62 31.21 -8.74
C LEU A 124 8.46 32.50 -8.62
N ALA A 125 9.72 32.45 -9.06
CA ALA A 125 10.64 33.59 -8.94
C ALA A 125 10.21 34.80 -9.77
N ALA A 126 9.43 34.56 -10.83
CA ALA A 126 8.95 35.66 -11.69
C ALA A 126 7.71 36.37 -11.11
N ARG A 127 7.14 35.81 -10.05
CA ARG A 127 6.06 36.48 -9.33
C ARG A 127 6.62 37.65 -8.52
N SER A 128 5.81 38.66 -8.33
CA SER A 128 6.05 39.66 -7.31
C SER A 128 4.75 40.18 -6.77
N LEU A 129 4.83 40.87 -5.64
CA LEU A 129 3.65 41.37 -4.98
C LEU A 129 2.97 42.40 -5.87
N LEU A 130 1.64 42.41 -5.87
CA LEU A 130 0.88 43.46 -6.51
C LEU A 130 1.28 44.79 -5.92
N ASP A 131 1.29 45.84 -6.74
CA ASP A 131 1.69 47.16 -6.27
C ASP A 131 0.61 47.73 -5.37
N PRO A 132 0.98 48.07 -4.11
CA PRO A 132 0.00 48.60 -3.13
C PRO A 132 -0.80 49.80 -3.67
N GLY A 133 -0.09 50.77 -4.24
CA GLY A 133 -0.72 51.95 -4.83
C GLY A 133 -1.70 51.61 -5.94
N GLU A 134 -1.29 50.71 -6.83
CA GLU A 134 -2.11 50.33 -7.99
C GLU A 134 -3.45 49.72 -7.54
N HIS A 135 -3.41 48.96 -6.45
CA HIS A 135 -4.60 48.27 -5.96
C HIS A 135 -5.18 48.96 -4.73
N ARG A 136 -4.66 50.14 -4.41
CA ARG A 136 -5.23 50.98 -3.35
C ARG A 136 -5.38 50.19 -2.06
N LEU A 137 -4.26 49.67 -1.58
CA LEU A 137 -4.25 48.96 -0.31
C LEU A 137 -4.14 49.94 0.85
N GLU A 138 -5.20 50.05 1.63
CA GLU A 138 -5.21 50.87 2.85
C GLU A 138 -4.86 50.02 4.07
N PRO A 139 -3.88 50.49 4.88
CA PRO A 139 -3.58 49.88 6.19
C PRO A 139 -4.83 49.69 7.01
N ALA A 140 -4.96 48.50 7.62
CA ALA A 140 -6.17 48.17 8.34
C ALA A 140 -5.93 48.29 9.87
N ASP A 141 -6.98 48.67 10.59
CA ASP A 141 -6.93 48.72 12.06
C ASP A 141 -6.65 47.30 12.65
N PRO A 142 -5.66 47.20 13.55
CA PRO A 142 -5.36 45.94 14.26
C PRO A 142 -6.58 45.26 14.88
N GLY A 143 -7.41 46.05 15.56
CA GLY A 143 -8.62 45.50 16.21
C GLY A 143 -9.59 44.86 15.21
N LEU A 144 -9.72 45.46 14.04
CA LEU A 144 -10.66 44.97 13.02
C LEU A 144 -10.05 43.77 12.28
N VAL A 145 -8.75 43.82 12.03
CA VAL A 145 -8.00 42.67 11.52
C VAL A 145 -8.23 41.41 12.38
N SER A 146 -8.08 41.56 13.69
CA SER A 146 -8.33 40.45 14.61
C SER A 146 -9.79 39.94 14.50
N ARG A 147 -10.75 40.85 14.51
CA ARG A 147 -12.16 40.48 14.43
C ARG A 147 -12.49 39.80 13.09
N ARG A 148 -12.04 40.41 11.99
CA ARG A 148 -12.21 39.83 10.65
C ARG A 148 -11.57 38.45 10.54
N LEU A 149 -10.29 38.35 10.92
CA LEU A 149 -9.60 37.08 10.82
C LEU A 149 -10.28 36.02 11.67
N ALA A 150 -10.77 36.41 12.85
CA ALA A 150 -11.54 35.49 13.70
C ALA A 150 -12.84 35.06 12.99
N GLU A 151 -13.53 36.04 12.39
CA GLU A 151 -14.86 35.81 11.80
C GLU A 151 -14.84 34.77 10.66
N VAL A 152 -13.81 34.80 9.83
CA VAL A 152 -13.85 34.06 8.54
C VAL A 152 -13.27 32.67 8.67
N GLY A 153 -12.58 32.41 9.77
CA GLY A 153 -11.95 31.13 9.99
C GLY A 153 -12.12 30.64 11.40
N VAL A 154 -11.52 29.49 11.68
CA VAL A 154 -11.72 28.80 12.94
C VAL A 154 -11.04 29.59 14.07
N PRO A 155 -11.80 29.87 15.16
CA PRO A 155 -11.43 30.91 16.15
C PRO A 155 -9.94 30.94 16.53
N SER A 156 -9.40 29.78 16.90
CA SER A 156 -7.96 29.67 17.22
C SER A 156 -7.20 29.08 16.04
N THR A 157 -5.87 29.27 16.01
CA THR A 157 -5.02 28.70 14.95
C THR A 157 -4.32 27.42 15.43
N GLY A 158 -3.93 26.58 14.46
CA GLY A 158 -3.14 25.38 14.76
C GLY A 158 -1.69 25.69 15.22
N PHE A 159 -1.19 26.86 14.85
CA PHE A 159 0.27 27.10 14.82
C PHE A 159 0.62 28.48 15.33
N ASP A 160 1.92 28.73 15.47
CA ASP A 160 2.42 29.99 16.01
C ASP A 160 2.81 30.95 14.87
N TRP A 161 1.82 31.65 14.36
CA TRP A 161 2.05 32.78 13.50
C TRP A 161 1.13 33.92 13.93
N SER A 162 1.45 35.12 13.50
CA SER A 162 0.62 36.27 13.78
C SER A 162 0.78 37.32 12.70
N VAL A 163 -0.23 38.16 12.56
CA VAL A 163 -0.19 39.26 11.63
C VAL A 163 0.28 40.53 12.37
N GLU A 164 1.39 41.10 11.94
CA GLU A 164 1.90 42.34 12.53
C GLU A 164 1.42 43.60 11.78
N ARG A 165 1.16 43.47 10.49
CA ARG A 165 0.52 44.54 9.70
C ARG A 165 -0.38 43.93 8.63
N LEU A 166 -1.46 44.62 8.31
CA LEU A 166 -2.29 44.22 7.20
C LEU A 166 -2.79 45.45 6.42
N SER A 167 -2.55 45.43 5.11
CA SER A 167 -3.18 46.39 4.18
C SER A 167 -4.16 45.68 3.27
N ALA A 168 -5.30 46.32 3.02
CA ALA A 168 -6.42 45.69 2.34
C ALA A 168 -6.94 46.59 1.20
N GLY A 169 -7.33 45.97 0.09
CA GLY A 169 -8.04 46.66 -0.98
C GLY A 169 -9.32 45.94 -1.36
N LEU A 170 -9.76 46.12 -2.60
CA LEU A 170 -10.91 45.39 -3.13
C LEU A 170 -10.48 43.98 -3.57
N GLY A 171 -10.75 42.99 -2.72
CA GLY A 171 -10.41 41.59 -3.01
C GLY A 171 -8.91 41.27 -3.01
N VAL A 172 -8.11 42.14 -2.38
CA VAL A 172 -6.68 41.88 -2.18
C VAL A 172 -6.25 42.28 -0.75
N LEU A 173 -5.38 41.47 -0.14
CA LEU A 173 -4.79 41.78 1.17
C LEU A 173 -3.30 41.52 1.11
N HIS A 174 -2.54 42.38 1.77
CA HIS A 174 -1.14 42.13 2.04
C HIS A 174 -0.92 42.10 3.55
N ALA A 175 -0.46 40.97 4.05
CA ALA A 175 -0.29 40.78 5.48
C ALA A 175 1.14 40.49 5.76
N GLN A 176 1.73 41.27 6.66
CA GLN A 176 3.07 40.98 7.13
C GLN A 176 2.95 40.04 8.30
N VAL A 177 3.57 38.87 8.17
CA VAL A 177 3.32 37.76 9.04
C VAL A 177 4.60 37.43 9.78
N LEU A 178 4.48 37.15 11.09
CA LEU A 178 5.58 36.57 11.84
C LEU A 178 5.35 35.10 12.05
N SER A 179 6.39 34.30 11.83
CA SER A 179 6.28 32.85 11.93
C SER A 179 7.58 32.27 12.48
N PRO A 180 7.74 32.29 13.81
CA PRO A 180 9.01 31.92 14.46
C PRO A 180 9.41 30.45 14.25
N ASP A 181 8.43 29.56 14.07
CA ASP A 181 8.72 28.16 13.80
C ASP A 181 9.05 27.96 12.33
N ALA A 182 10.32 27.67 12.05
CA ALA A 182 10.76 27.40 10.69
C ALA A 182 11.14 25.93 10.51
N SER A 183 10.61 25.06 11.36
CA SER A 183 10.88 23.62 11.27
C SER A 183 10.04 22.94 10.18
N SER A 184 9.01 23.64 9.70
CA SER A 184 8.18 23.14 8.61
C SER A 184 7.44 24.29 7.93
N TRP A 185 6.82 24.01 6.78
CA TRP A 185 6.05 25.00 6.07
C TRP A 185 4.63 25.15 6.60
N ALA A 186 4.23 24.30 7.55
CA ALA A 186 2.84 24.27 8.01
C ALA A 186 2.38 25.59 8.62
N PRO A 187 3.23 26.22 9.47
CA PRO A 187 2.76 27.49 10.04
C PRO A 187 2.47 28.55 8.98
N LEU A 188 3.36 28.74 8.02
CA LEU A 188 3.09 29.74 6.96
C LEU A 188 1.95 29.36 6.06
N LEU A 189 1.86 28.07 5.73
CA LEU A 189 0.76 27.60 4.92
C LEU A 189 -0.55 27.79 5.68
N ASP A 190 -0.51 27.59 7.01
CA ASP A 190 -1.69 27.80 7.85
C ASP A 190 -2.09 29.28 7.89
N ALA A 191 -1.10 30.16 7.99
CA ALA A 191 -1.34 31.60 7.90
C ALA A 191 -1.99 31.98 6.55
N VAL A 192 -1.45 31.48 5.46
CA VAL A 192 -2.01 31.77 4.14
C VAL A 192 -3.46 31.34 4.08
N MET A 193 -3.71 30.11 4.46
CA MET A 193 -5.01 29.53 4.29
C MET A 193 -6.00 29.98 5.31
N SER A 194 -5.52 30.58 6.41
CA SER A 194 -6.40 31.24 7.39
C SER A 194 -6.71 32.68 7.00
N ILE A 195 -5.74 33.36 6.39
CA ILE A 195 -5.91 34.78 5.99
C ILE A 195 -6.69 34.89 4.67
N ALA A 196 -6.52 33.90 3.79
CA ALA A 196 -7.05 33.97 2.42
C ALA A 196 -8.54 34.34 2.37
N PRO A 197 -9.36 33.68 3.21
CA PRO A 197 -10.80 33.93 3.13
C PRO A 197 -11.25 35.30 3.65
N ALA A 198 -10.33 36.06 4.23
CA ALA A 198 -10.61 37.45 4.58
C ALA A 198 -10.71 38.34 3.32
N ALA A 199 -10.24 37.83 2.19
CA ALA A 199 -10.23 38.62 0.96
C ALA A 199 -11.63 38.72 0.35
N PHE A 200 -12.49 37.77 0.68
CA PHE A 200 -13.83 37.73 0.09
C PHE A 200 -14.62 38.94 0.52
N VAL A 201 -15.35 39.51 -0.45
CA VAL A 201 -16.07 40.74 -0.24
C VAL A 201 -17.42 40.39 0.35
N GLY A 202 -18.09 41.37 0.90
CA GLY A 202 -19.44 41.20 1.34
C GLY A 202 -19.46 40.77 2.77
N LEU A 203 -20.57 40.18 3.18
CA LEU A 203 -20.72 39.76 4.56
C LEU A 203 -19.73 38.63 4.82
N PRO A 204 -19.09 38.63 6.00
CA PRO A 204 -18.16 37.57 6.36
C PRO A 204 -18.90 36.22 6.51
N GLN A 205 -18.40 35.20 5.80
CA GLN A 205 -18.85 33.81 6.02
C GLN A 205 -17.71 33.00 6.53
N LEU A 206 -18.00 31.98 7.32
CA LEU A 206 -17.02 31.03 7.71
C LEU A 206 -16.80 30.09 6.52
N ARG A 207 -15.57 30.03 6.03
CA ARG A 207 -15.22 29.15 4.90
C ARG A 207 -14.09 28.22 5.26
N MET A 208 -14.01 27.09 4.59
CA MET A 208 -12.89 26.20 4.74
C MET A 208 -12.44 25.75 3.37
N VAL A 209 -11.11 25.59 3.21
CA VAL A 209 -10.55 25.28 1.92
C VAL A 209 -10.83 23.81 1.60
N VAL A 210 -11.25 23.54 0.37
CA VAL A 210 -11.57 22.19 -0.06
C VAL A 210 -10.74 21.75 -1.27
N HIS A 211 -10.00 22.68 -1.84
CA HIS A 211 -9.22 22.39 -3.03
C HIS A 211 -8.14 23.44 -3.21
N VAL A 212 -6.99 23.01 -3.73
CA VAL A 212 -5.96 23.92 -4.20
C VAL A 212 -5.36 23.39 -5.50
N ASP A 213 -5.34 24.23 -6.52
CA ASP A 213 -4.84 23.83 -7.82
C ASP A 213 -3.34 23.57 -7.80
N GLU A 214 -2.61 24.41 -7.10
CA GLU A 214 -1.18 24.25 -7.05
C GLU A 214 -0.59 24.85 -5.81
N ILE A 215 0.27 24.06 -5.15
CA ILE A 215 1.06 24.54 -4.07
C ILE A 215 2.55 24.38 -4.39
N THR A 216 3.28 25.49 -4.38
CA THR A 216 4.73 25.48 -4.61
C THR A 216 5.43 26.19 -3.46
N VAL A 217 6.39 25.51 -2.84
CA VAL A 217 7.22 26.11 -1.82
C VAL A 217 8.69 25.96 -2.21
N ASP A 218 9.51 26.94 -1.81
CA ASP A 218 10.93 26.91 -2.15
C ASP A 218 11.78 27.21 -0.93
N GLY A 219 12.77 26.38 -0.68
CA GLY A 219 13.70 26.60 0.41
C GLY A 219 13.08 26.33 1.76
N THR A 220 13.75 26.80 2.80
CA THR A 220 13.24 26.67 4.14
C THR A 220 12.34 27.86 4.44
N PRO A 221 11.30 27.64 5.23
CA PRO A 221 10.36 28.71 5.49
C PRO A 221 11.03 29.87 6.24
N PRO A 222 10.77 31.11 5.79
CA PRO A 222 11.26 32.27 6.51
C PRO A 222 10.45 32.50 7.78
N GLU A 223 11.01 33.28 8.69
CA GLU A 223 10.35 33.54 9.96
C GLU A 223 9.60 34.85 9.92
N ALA A 224 9.86 35.63 8.89
CA ALA A 224 9.03 36.77 8.59
C ALA A 224 8.68 36.73 7.12
N ALA A 225 7.44 37.01 6.80
CA ALA A 225 6.97 36.91 5.42
C ALA A 225 5.92 37.94 5.16
N THR A 226 5.72 38.29 3.89
CA THR A 226 4.49 38.94 3.49
C THR A 226 3.61 37.98 2.70
N VAL A 227 2.35 37.92 3.09
CA VAL A 227 1.40 37.06 2.46
C VAL A 227 0.48 37.94 1.67
N GLU A 228 0.46 37.72 0.37
CA GLU A 228 -0.54 38.33 -0.48
C GLU A 228 -1.63 37.34 -0.78
N VAL A 229 -2.87 37.80 -0.69
CA VAL A 229 -3.99 37.01 -1.04
C VAL A 229 -4.92 37.85 -1.95
N ALA A 230 -5.33 37.26 -3.08
CA ALA A 230 -6.11 37.99 -4.10
C ALA A 230 -7.24 37.13 -4.63
N LEU A 231 -8.45 37.67 -4.64
CA LEU A 231 -9.57 36.99 -5.25
C LEU A 231 -9.27 36.71 -6.72
N ASP A 232 -9.68 35.54 -7.19
CA ASP A 232 -9.86 35.34 -8.61
C ASP A 232 -11.08 36.16 -9.07
N PRO A 233 -10.86 37.05 -10.03
CA PRO A 233 -11.94 37.94 -10.53
C PRO A 233 -13.09 37.17 -11.24
N ARG A 234 -12.79 36.00 -11.77
CA ARG A 234 -13.67 35.34 -12.73
C ARG A 234 -14.41 34.12 -12.14
N VAL A 235 -13.76 33.45 -11.19
CA VAL A 235 -14.29 32.19 -10.67
C VAL A 235 -14.65 32.36 -9.19
N ALA A 236 -15.84 31.93 -8.83
CA ALA A 236 -16.37 32.19 -7.51
C ALA A 236 -15.57 31.38 -6.44
N ASP A 237 -15.54 31.90 -5.24
CA ASP A 237 -15.04 31.15 -4.05
C ASP A 237 -13.58 30.75 -4.21
N THR A 238 -12.84 31.53 -5.01
CA THR A 238 -11.47 31.19 -5.33
C THR A 238 -10.52 32.30 -4.99
N VAL A 239 -9.40 31.94 -4.35
CA VAL A 239 -8.38 32.91 -3.96
C VAL A 239 -6.99 32.41 -4.37
N HIS A 240 -6.10 33.34 -4.69
CA HIS A 240 -4.71 33.00 -5.02
C HIS A 240 -3.80 33.67 -4.01
N ALA A 241 -2.71 33.00 -3.64
CA ALA A 241 -1.78 33.54 -2.64
C ALA A 241 -0.35 33.51 -3.12
N LEU A 242 0.43 34.47 -2.63
CA LEU A 242 1.85 34.55 -2.84
C LEU A 242 2.51 34.84 -1.49
N VAL A 243 3.57 34.12 -1.17
CA VAL A 243 4.38 34.43 -0.02
C VAL A 243 5.75 34.86 -0.46
N THR A 244 6.16 36.05 0.00
CA THR A 244 7.57 36.45 -0.09
C THR A 244 8.20 36.57 1.29
N ASP A 245 9.53 36.43 1.33
CA ASP A 245 10.29 36.79 2.52
C ASP A 245 10.37 38.32 2.67
N GLY A 246 11.09 38.78 3.69
CA GLY A 246 11.07 40.21 4.07
C GLY A 246 11.69 41.12 3.03
N GLU A 247 12.51 40.54 2.15
CA GLU A 247 13.13 41.29 1.05
C GLU A 247 12.33 41.14 -0.26
N GLY A 248 11.20 40.45 -0.20
CA GLY A 248 10.25 40.42 -1.32
C GLY A 248 10.52 39.31 -2.33
N ARG A 249 11.48 38.44 -2.03
CA ARG A 249 11.71 37.24 -2.82
C ARG A 249 10.55 36.26 -2.61
N PRO A 250 9.95 35.78 -3.71
CA PRO A 250 8.85 34.78 -3.60
C PRO A 250 9.33 33.46 -3.07
N VAL A 251 8.64 32.92 -2.07
CA VAL A 251 9.06 31.66 -1.45
C VAL A 251 7.97 30.57 -1.50
N ALA A 252 6.72 31.00 -1.73
CA ALA A 252 5.61 30.05 -1.90
C ALA A 252 4.52 30.67 -2.70
N SER A 253 3.82 29.84 -3.47
CA SER A 253 2.56 30.26 -4.09
C SER A 253 1.52 29.19 -3.94
N LEU A 254 0.29 29.61 -3.72
CA LEU A 254 -0.83 28.73 -3.66
C LEU A 254 -1.87 29.24 -4.64
N ARG A 255 -2.04 28.51 -5.75
N ARG A 255 -2.06 28.49 -5.72
CA ARG A 255 -2.96 28.91 -6.79
CA ARG A 255 -2.96 28.90 -6.79
C ARG A 255 -4.28 28.18 -6.64
C ARG A 255 -4.28 28.17 -6.65
N GLY A 256 -5.36 28.91 -6.75
CA GLY A 256 -6.69 28.32 -6.88
C GLY A 256 -7.19 27.68 -5.60
N LEU A 257 -6.95 28.36 -4.46
CA LEU A 257 -7.56 27.95 -3.21
C LEU A 257 -9.05 28.11 -3.33
N ARG A 258 -9.78 27.05 -3.02
CA ARG A 258 -11.25 27.08 -3.15
C ARG A 258 -11.89 27.01 -1.77
N TYR A 259 -12.73 28.00 -1.50
CA TYR A 259 -13.37 28.15 -0.18
C TYR A 259 -14.89 28.32 -0.34
N PRO A 260 -15.61 27.24 -0.63
CA PRO A 260 -17.05 27.37 -0.85
C PRO A 260 -17.86 27.55 0.46
N ASP B 1 -9.24 -23.07 2.80
CA ASP B 1 -8.01 -23.91 2.74
C ASP B 1 -7.14 -23.67 3.99
N SER B 2 -6.85 -24.75 4.72
CA SER B 2 -6.39 -24.64 6.10
C SER B 2 -4.87 -24.47 6.21
N HIS B 3 -4.15 -24.62 5.09
CA HIS B 3 -2.68 -24.75 5.14
C HIS B 3 -1.96 -23.57 4.47
N THR B 4 -2.67 -22.46 4.29
CA THR B 4 -2.06 -21.28 3.67
C THR B 4 -1.36 -20.42 4.70
N LEU B 5 -0.54 -19.51 4.20
CA LEU B 5 0.10 -18.51 5.02
C LEU B 5 -0.63 -17.17 4.93
N LEU B 6 -1.88 -17.19 4.47
CA LEU B 6 -2.70 -15.96 4.45
C LEU B 6 -3.17 -15.63 5.86
N GLY B 7 -2.71 -14.49 6.38
CA GLY B 7 -3.21 -13.99 7.66
C GLY B 7 -4.24 -12.89 7.47
N THR B 8 -4.03 -11.79 8.19
CA THR B 8 -5.01 -10.69 8.25
C THR B 8 -5.00 -9.91 6.95
N PRO B 9 -6.17 -9.77 6.30
CA PRO B 9 -6.23 -8.94 5.13
C PRO B 9 -5.90 -7.50 5.45
N GLY B 10 -5.26 -6.82 4.51
CA GLY B 10 -5.03 -5.41 4.59
C GLY B 10 -5.16 -4.80 3.22
N GLY B 11 -5.32 -3.49 3.18
CA GLY B 11 -5.60 -2.79 1.94
C GLY B 11 -4.83 -1.51 1.83
N VAL B 12 -4.72 -1.00 0.61
CA VAL B 12 -4.11 0.27 0.37
C VAL B 12 -5.17 1.20 -0.17
N ALA B 13 -5.43 2.27 0.55
CA ALA B 13 -6.45 3.25 0.16
C ALA B 13 -6.24 3.73 -1.28
N GLY B 14 -7.30 3.64 -2.07
CA GLY B 14 -7.29 4.14 -3.46
C GLY B 14 -6.69 3.15 -4.45
N SER B 15 -6.43 1.94 -3.98
CA SER B 15 -5.73 0.94 -4.78
C SER B 15 -6.46 -0.39 -4.68
N ASP B 16 -6.41 -1.19 -5.74
CA ASP B 16 -7.00 -2.55 -5.70
C ASP B 16 -6.01 -3.62 -5.23
N LEU B 17 -4.78 -3.21 -4.94
CA LEU B 17 -3.82 -4.06 -4.20
C LEU B 17 -4.51 -4.82 -3.05
N ARG B 18 -4.20 -6.12 -2.93
CA ARG B 18 -4.58 -6.88 -1.77
C ARG B 18 -3.36 -7.38 -1.01
N LEU B 19 -3.40 -7.25 0.31
CA LEU B 19 -2.32 -7.69 1.19
C LEU B 19 -2.87 -8.63 2.23
N TRP B 20 -2.06 -9.59 2.64
CA TRP B 20 -2.30 -10.33 3.87
C TRP B 20 -1.03 -10.37 4.70
N HIS B 21 -1.18 -10.21 6.00
CA HIS B 21 -0.04 -10.25 6.92
C HIS B 21 -0.26 -11.31 7.97
N SER B 22 0.79 -12.05 8.28
CA SER B 22 0.79 -12.94 9.41
C SER B 22 2.14 -13.05 10.01
N THR B 23 2.19 -13.64 11.19
CA THR B 23 3.44 -14.01 11.80
C THR B 23 3.57 -15.52 11.75
N LEU B 24 4.74 -15.97 11.34
CA LEU B 24 5.04 -17.38 11.27
C LEU B 24 5.94 -17.76 12.44
N ASP B 25 5.54 -18.80 13.16
CA ASP B 25 6.22 -19.20 14.39
C ASP B 25 6.08 -20.71 14.55
N ASP B 26 7.05 -21.32 15.26
CA ASP B 26 7.06 -22.77 15.46
C ASP B 26 5.84 -23.25 16.30
N ASP B 27 5.16 -22.32 16.94
CA ASP B 27 4.04 -22.65 17.83
C ASP B 27 2.72 -22.73 17.07
N SER B 28 2.64 -22.03 15.93
CA SER B 28 1.38 -21.92 15.18
C SER B 28 1.59 -22.16 13.68
N ARG B 29 2.08 -23.33 13.34
CA ARG B 29 2.26 -23.71 11.94
C ARG B 29 0.93 -24.02 11.27
N PRO B 30 0.69 -23.45 10.09
CA PRO B 30 -0.55 -23.70 9.33
C PRO B 30 -0.61 -25.13 8.77
N TYR B 31 0.53 -25.82 8.75
CA TYR B 31 0.60 -27.21 8.32
C TYR B 31 0.97 -28.09 9.48
N LEU B 37 14.21 -29.51 10.53
CA LEU B 37 15.65 -29.72 10.54
C LEU B 37 16.15 -30.07 11.96
N ASN B 38 16.90 -29.16 12.59
CA ASN B 38 17.17 -29.26 14.04
C ASN B 38 16.35 -28.22 14.83
N GLY B 39 16.69 -26.94 14.69
CA GLY B 39 15.88 -25.85 15.26
C GLY B 39 15.32 -24.88 14.21
N VAL B 40 15.49 -25.24 12.93
CA VAL B 40 15.03 -24.41 11.81
C VAL B 40 13.83 -25.08 11.12
N GLU B 41 12.88 -24.25 10.68
CA GLU B 41 11.67 -24.73 9.99
C GLU B 41 11.70 -24.29 8.51
N ILE B 42 11.29 -25.17 7.59
CA ILE B 42 11.18 -24.82 6.15
C ILE B 42 9.76 -25.03 5.63
N VAL B 43 9.16 -23.97 5.11
CA VAL B 43 7.81 -24.08 4.57
C VAL B 43 7.86 -24.87 3.26
N PRO B 44 7.08 -25.94 3.16
CA PRO B 44 6.98 -26.70 1.92
C PRO B 44 6.48 -25.88 0.75
N ALA B 45 6.94 -26.20 -0.45
CA ALA B 45 6.47 -25.56 -1.66
C ALA B 45 4.94 -25.65 -1.80
N ALA B 46 4.36 -26.76 -1.34
CA ALA B 46 2.92 -26.98 -1.44
C ALA B 46 2.15 -25.89 -0.69
N VAL B 47 2.68 -25.46 0.44
CA VAL B 47 2.06 -24.41 1.23
C VAL B 47 2.11 -23.08 0.49
N LEU B 48 3.23 -22.79 -0.14
CA LEU B 48 3.36 -21.59 -0.99
C LEU B 48 2.34 -21.63 -2.13
N ALA B 49 2.20 -22.79 -2.75
CA ALA B 49 1.24 -22.97 -3.83
C ALA B 49 -0.21 -22.73 -3.41
N VAL B 50 -0.63 -23.34 -2.29
CA VAL B 50 -2.02 -23.14 -1.84
C VAL B 50 -2.24 -21.71 -1.32
N THR B 51 -1.19 -21.10 -0.77
CA THR B 51 -1.25 -19.67 -0.40
C THR B 51 -1.53 -18.80 -1.64
N PHE B 52 -0.85 -19.09 -2.73
CA PHE B 52 -1.03 -18.32 -3.97
C PHE B 52 -2.37 -18.61 -4.64
N LEU B 53 -2.81 -19.87 -4.55
CA LEU B 53 -4.13 -20.24 -5.04
C LEU B 53 -5.24 -19.48 -4.29
N ALA B 54 -5.12 -19.41 -2.96
CA ALA B 54 -6.08 -18.71 -2.14
C ALA B 54 -6.01 -17.18 -2.36
N ALA B 55 -4.80 -16.64 -2.51
CA ALA B 55 -4.64 -15.21 -2.73
C ALA B 55 -5.18 -14.82 -4.10
N GLY B 56 -5.06 -15.72 -5.07
CA GLY B 56 -5.61 -15.50 -6.40
C GLY B 56 -7.14 -15.47 -6.41
N ALA B 57 -7.76 -16.25 -5.52
CA ALA B 57 -9.19 -16.57 -5.62
C ALA B 57 -9.98 -15.96 -4.48
N GLU B 58 -9.59 -14.76 -4.04
CA GLU B 58 -10.28 -14.12 -2.90
C GLU B 58 -11.65 -13.57 -3.29
N GLY B 59 -11.71 -12.85 -4.40
CA GLY B 59 -12.99 -12.49 -5.01
C GLY B 59 -13.62 -13.66 -5.73
N GLU B 60 -12.84 -14.30 -6.59
CA GLU B 60 -13.36 -15.32 -7.49
C GLU B 60 -13.41 -16.67 -6.81
N GLU B 61 -13.74 -17.72 -7.57
CA GLU B 61 -13.86 -19.06 -7.03
C GLU B 61 -12.51 -19.78 -7.00
N ARG B 62 -11.87 -19.86 -8.17
CA ARG B 62 -10.56 -20.53 -8.26
C ARG B 62 -9.71 -19.91 -9.39
N ARG B 63 -8.42 -19.81 -9.13
CA ARG B 63 -7.44 -19.49 -10.18
C ARG B 63 -6.50 -20.67 -10.39
N ALA B 64 -5.90 -20.74 -11.57
CA ALA B 64 -4.70 -21.49 -11.76
C ALA B 64 -3.51 -20.57 -11.53
N LEU B 65 -2.36 -21.17 -11.25
CA LEU B 65 -1.12 -20.43 -11.16
C LEU B 65 -0.31 -20.72 -12.36
N GLN B 66 0.42 -19.71 -12.79
CA GLN B 66 1.37 -19.84 -13.86
C GLN B 66 2.68 -19.23 -13.45
N ASP B 67 3.77 -19.81 -13.93
CA ASP B 67 5.11 -19.27 -13.72
C ASP B 67 5.39 -18.99 -12.26
N MET B 68 5.12 -19.98 -11.41
CA MET B 68 5.46 -19.89 -10.02
C MET B 68 6.95 -20.10 -9.82
N THR B 69 7.62 -19.06 -9.34
CA THR B 69 9.05 -19.13 -9.06
C THR B 69 9.28 -19.16 -7.56
N MET B 70 10.11 -20.08 -7.13
CA MET B 70 10.47 -20.17 -5.74
C MET B 70 11.95 -19.89 -5.56
N THR B 71 12.25 -18.64 -5.23
CA THR B 71 13.64 -18.15 -5.27
C THR B 71 14.38 -18.46 -3.96
N HIS B 72 13.78 -18.12 -2.84
CA HIS B 72 14.39 -18.36 -1.53
C HIS B 72 13.42 -19.12 -0.65
N PRO B 73 13.88 -20.19 -0.02
CA PRO B 73 12.98 -20.93 0.86
C PRO B 73 12.54 -20.09 2.08
N VAL B 74 11.35 -20.33 2.57
CA VAL B 74 10.88 -19.66 3.76
C VAL B 74 11.34 -20.38 5.00
N LEU B 75 12.36 -19.79 5.65
CA LEU B 75 13.06 -20.41 6.76
C LEU B 75 12.77 -19.61 8.02
N THR B 76 12.64 -20.30 9.14
CA THR B 76 12.29 -19.64 10.42
C THR B 76 12.92 -20.39 11.59
N ALA B 77 13.51 -19.65 12.53
CA ALA B 77 14.01 -20.23 13.77
C ALA B 77 13.54 -19.37 14.94
N GLY B 78 12.22 -19.28 15.10
CA GLY B 78 11.63 -18.20 15.86
C GLY B 78 10.52 -17.54 15.08
N GLN B 79 10.46 -16.22 15.11
CA GLN B 79 9.29 -15.50 14.65
C GLN B 79 9.63 -14.60 13.48
N ARG B 80 8.78 -14.62 12.46
CA ARG B 80 8.97 -13.81 11.25
C ARG B 80 7.63 -13.32 10.73
N GLN B 81 7.61 -12.13 10.18
CA GLN B 81 6.40 -11.60 9.59
C GLN B 81 6.32 -12.00 8.10
N ILE B 82 5.12 -12.38 7.65
CA ILE B 82 4.87 -12.81 6.28
C ILE B 82 3.92 -11.82 5.63
N GLN B 83 4.25 -11.39 4.42
CA GLN B 83 3.34 -10.58 3.61
C GLN B 83 3.06 -11.27 2.32
N VAL B 84 1.78 -11.45 2.01
CA VAL B 84 1.36 -11.92 0.71
C VAL B 84 0.68 -10.78 -0.01
N VAL B 85 1.04 -10.62 -1.27
CA VAL B 85 0.62 -9.48 -2.06
C VAL B 85 -0.05 -9.98 -3.30
N ARG B 86 -1.24 -9.46 -3.58
CA ARG B 86 -1.85 -9.63 -4.88
C ARG B 86 -1.94 -8.30 -5.57
N GLU B 87 -1.24 -8.18 -6.69
CA GLU B 87 -1.24 -6.97 -7.47
C GLU B 87 -1.65 -7.32 -8.90
N GLY B 88 -2.92 -7.07 -9.21
CA GLY B 88 -3.53 -7.57 -10.41
C GLY B 88 -3.51 -9.09 -10.49
N GLU B 89 -2.81 -9.60 -11.50
CA GLU B 89 -2.68 -11.03 -11.70
C GLU B 89 -1.33 -11.56 -11.18
N VAL B 90 -0.61 -10.75 -10.40
CA VAL B 90 0.66 -11.20 -9.82
C VAL B 90 0.49 -11.39 -8.33
N VAL B 91 0.96 -12.52 -7.83
CA VAL B 91 1.04 -12.74 -6.39
C VAL B 91 2.47 -12.96 -5.95
N ARG B 92 2.80 -12.43 -4.76
CA ARG B 92 4.13 -12.54 -4.19
C ARG B 92 4.01 -12.90 -2.72
N LEU B 93 5.01 -13.60 -2.22
CA LEU B 93 5.13 -13.89 -0.82
C LEU B 93 6.47 -13.40 -0.32
N ALA B 94 6.47 -12.66 0.78
CA ALA B 94 7.68 -12.08 1.36
C ALA B 94 7.71 -12.29 2.86
N SER B 95 8.90 -12.16 3.45
CA SER B 95 9.05 -12.21 4.91
C SER B 95 10.04 -11.19 5.41
N ARG B 96 9.96 -10.89 6.71
CA ARG B 96 10.91 -10.03 7.34
C ARG B 96 10.96 -10.29 8.84
N THR B 97 12.00 -9.72 9.49
CA THR B 97 12.08 -9.70 10.94
C THR B 97 10.89 -8.94 11.52
N VAL B 98 10.37 -9.42 12.64
CA VAL B 98 9.20 -8.80 13.26
C VAL B 98 9.48 -7.35 13.67
N ALA B 99 8.73 -6.42 13.10
CA ALA B 99 8.93 -5.00 13.38
C ALA B 99 8.71 -4.70 14.89
N ASP B 100 9.43 -3.70 15.39
CA ASP B 100 9.03 -3.03 16.66
C ASP B 100 9.43 -1.56 16.62
N ALA B 101 9.21 -0.85 17.73
CA ALA B 101 9.40 0.59 17.74
C ALA B 101 10.85 0.98 17.38
N ALA B 102 11.80 0.15 17.78
CA ALA B 102 13.22 0.42 17.50
C ALA B 102 13.59 0.08 16.05
N ASP B 103 12.87 -0.87 15.46
CA ASP B 103 13.10 -1.25 14.05
C ASP B 103 11.74 -1.37 13.34
N PRO B 104 11.12 -0.21 13.01
CA PRO B 104 9.69 -0.20 12.76
C PRO B 104 9.31 -0.67 11.35
N ASN B 105 10.29 -0.77 10.46
CA ASN B 105 10.02 -1.13 9.07
C ASN B 105 11.18 -1.88 8.45
N PRO B 106 11.48 -3.08 8.95
CA PRO B 106 12.53 -3.89 8.30
C PRO B 106 12.14 -4.26 6.86
N ALA B 107 13.13 -4.45 6.02
CA ALA B 107 12.92 -4.65 4.60
C ALA B 107 12.40 -6.07 4.32
N TRP B 108 11.59 -6.20 3.28
CA TRP B 108 11.03 -7.51 2.89
C TRP B 108 12.05 -8.31 2.10
N LEU B 109 12.07 -9.62 2.34
CA LEU B 109 12.70 -10.57 1.45
C LEU B 109 11.62 -11.30 0.63
N VAL B 110 11.65 -11.15 -0.68
CA VAL B 110 10.66 -11.80 -1.56
C VAL B 110 11.08 -13.26 -1.82
N HIS B 111 10.25 -14.20 -1.37
CA HIS B 111 10.58 -15.64 -1.46
C HIS B 111 10.15 -16.24 -2.77
N ALA B 112 9.00 -15.82 -3.25
CA ALA B 112 8.31 -16.50 -4.34
C ALA B 112 7.29 -15.58 -4.98
N GLU B 113 6.95 -15.88 -6.21
CA GLU B 113 6.02 -15.11 -6.99
C GLU B 113 5.35 -16.02 -7.99
N ALA B 114 4.16 -15.65 -8.42
CA ALA B 114 3.51 -16.33 -9.52
C ALA B 114 2.56 -15.38 -10.25
N ARG B 115 2.01 -15.85 -11.34
CA ARG B 115 0.89 -15.19 -12.00
C ARG B 115 -0.35 -16.02 -11.82
N THR B 116 -1.49 -15.38 -11.60
CA THR B 116 -2.77 -16.08 -11.58
C THR B 116 -3.43 -16.06 -12.95
N ALA B 117 -4.28 -17.04 -13.22
CA ALA B 117 -4.99 -17.11 -14.50
C ALA B 117 -6.21 -17.97 -14.36
N ALA B 118 -7.13 -17.84 -15.32
CA ALA B 118 -8.35 -18.60 -15.32
C ALA B 118 -8.03 -20.07 -15.52
N PRO B 119 -8.51 -20.91 -14.62
CA PRO B 119 -8.16 -22.33 -14.75
C PRO B 119 -8.81 -22.99 -15.98
N ASP B 120 -8.04 -23.80 -16.69
CA ASP B 120 -8.52 -24.51 -17.87
C ASP B 120 -9.04 -25.90 -17.45
N LEU B 121 -10.27 -25.95 -16.93
CA LEU B 121 -10.79 -27.17 -16.30
C LEU B 121 -11.20 -28.24 -17.33
N ALA B 122 -11.60 -27.79 -18.52
CA ALA B 122 -11.88 -28.72 -19.62
C ALA B 122 -10.58 -29.31 -20.16
N GLY B 123 -9.55 -28.48 -20.26
CA GLY B 123 -8.20 -28.97 -20.51
C GLY B 123 -7.79 -30.02 -19.48
N LEU B 124 -7.98 -29.68 -18.21
CA LEU B 124 -7.64 -30.60 -17.13
C LEU B 124 -8.41 -31.93 -17.27
N ALA B 125 -9.72 -31.83 -17.50
CA ALA B 125 -10.58 -33.03 -17.60
C ALA B 125 -10.23 -33.91 -18.82
N ALA B 126 -9.64 -33.31 -19.85
CA ALA B 126 -9.27 -34.03 -21.07
C ALA B 126 -7.94 -34.80 -20.92
N ARG B 127 -7.22 -34.54 -19.84
CA ARG B 127 -6.01 -35.31 -19.54
C ARG B 127 -6.39 -36.72 -19.09
N SER B 128 -5.51 -37.68 -19.34
CA SER B 128 -5.60 -38.97 -18.67
C SER B 128 -4.23 -39.58 -18.46
N LEU B 129 -4.16 -40.54 -17.55
CA LEU B 129 -2.91 -41.19 -17.20
C LEU B 129 -2.34 -41.92 -18.41
N LEU B 130 -1.03 -41.88 -18.55
CA LEU B 130 -0.34 -42.64 -19.56
C LEU B 130 -0.66 -44.11 -19.40
N ASP B 131 -0.72 -44.83 -20.51
CA ASP B 131 -1.04 -46.26 -20.47
C ASP B 131 0.13 -47.04 -19.89
N PRO B 132 -0.11 -47.79 -18.80
CA PRO B 132 0.95 -48.56 -18.13
C PRO B 132 1.71 -49.49 -19.08
N GLY B 133 0.97 -50.26 -19.89
CA GLY B 133 1.57 -51.17 -20.87
C GLY B 133 2.45 -50.44 -21.88
N GLU B 134 1.95 -49.33 -22.40
CA GLU B 134 2.67 -48.56 -23.42
C GLU B 134 4.03 -48.07 -22.91
N HIS B 135 4.07 -47.68 -21.63
CA HIS B 135 5.27 -47.13 -21.04
C HIS B 135 5.97 -48.14 -20.13
N ARG B 136 5.52 -49.40 -20.18
CA ARG B 136 6.21 -50.50 -19.52
C ARG B 136 6.43 -50.17 -18.05
N LEU B 137 5.35 -49.90 -17.34
CA LEU B 137 5.41 -49.67 -15.91
C LEU B 137 5.45 -51.00 -15.16
N GLU B 138 6.57 -51.27 -14.50
CA GLU B 138 6.67 -52.38 -13.56
C GLU B 138 6.27 -51.93 -12.15
N PRO B 139 5.20 -52.53 -11.59
CA PRO B 139 4.92 -52.31 -10.18
C PRO B 139 6.12 -52.66 -9.28
N ALA B 140 6.52 -51.71 -8.43
CA ALA B 140 7.57 -51.95 -7.45
C ALA B 140 7.17 -51.33 -6.11
N SER B 156 9.68 -34.52 1.49
CA SER B 156 9.50 -35.10 2.83
C SER B 156 8.01 -35.16 3.20
N THR B 157 7.69 -36.02 4.17
CA THR B 157 6.29 -36.25 4.56
C THR B 157 5.95 -35.50 5.87
N GLY B 158 6.02 -34.17 5.81
CA GLY B 158 5.57 -33.32 6.93
C GLY B 158 4.05 -33.34 7.12
N PHE B 159 3.33 -33.60 6.04
CA PHE B 159 1.87 -33.79 6.09
C PHE B 159 1.55 -35.26 6.33
N ASP B 160 0.27 -35.58 6.41
CA ASP B 160 -0.19 -36.97 6.40
C ASP B 160 -0.53 -37.42 4.96
N TRP B 161 0.49 -37.81 4.21
CA TRP B 161 0.27 -38.63 3.02
C TRP B 161 1.25 -39.76 2.99
N SER B 162 0.92 -40.80 2.24
CA SER B 162 1.84 -41.92 2.06
C SER B 162 1.60 -42.59 0.72
N VAL B 163 2.63 -43.22 0.19
CA VAL B 163 2.52 -43.99 -1.04
C VAL B 163 2.22 -45.44 -0.69
N GLU B 164 1.07 -45.94 -1.13
CA GLU B 164 0.69 -47.32 -0.84
C GLU B 164 1.11 -48.28 -1.97
N ARG B 165 1.16 -47.77 -3.21
CA ARG B 165 1.59 -48.59 -4.36
C ARG B 165 2.31 -47.71 -5.38
N LEU B 166 3.24 -48.31 -6.11
CA LEU B 166 4.00 -47.59 -7.11
C LEU B 166 4.34 -48.48 -8.31
N SER B 167 4.04 -47.98 -9.51
CA SER B 167 4.54 -48.56 -10.76
C SER B 167 5.50 -47.58 -11.44
N ALA B 168 6.58 -48.10 -12.02
CA ALA B 168 7.67 -47.25 -12.52
C ALA B 168 8.10 -47.71 -13.91
N GLY B 169 8.42 -46.74 -14.77
CA GLY B 169 9.07 -47.03 -16.06
C GLY B 169 10.33 -46.19 -16.25
N LEU B 170 10.73 -46.02 -17.50
CA LEU B 170 11.79 -45.06 -17.83
C LEU B 170 11.23 -43.63 -17.84
N GLY B 171 11.52 -42.88 -16.77
CA GLY B 171 11.14 -41.48 -16.71
C GLY B 171 9.66 -41.26 -16.46
N VAL B 172 8.96 -42.31 -16.00
CA VAL B 172 7.55 -42.19 -15.59
C VAL B 172 7.29 -43.00 -14.32
N LEU B 173 6.46 -42.45 -13.44
CA LEU B 173 5.98 -43.17 -12.25
C LEU B 173 4.49 -42.97 -12.10
N HIS B 174 3.82 -43.99 -11.63
CA HIS B 174 2.44 -43.89 -11.16
C HIS B 174 2.39 -44.34 -9.70
N ALA B 175 1.96 -43.45 -8.82
CA ALA B 175 1.98 -43.73 -7.41
C ALA B 175 0.60 -43.57 -6.87
N GLN B 176 0.10 -44.60 -6.20
CA GLN B 176 -1.16 -44.51 -5.48
C GLN B 176 -0.93 -43.96 -4.09
N VAL B 177 -1.59 -42.84 -3.80
CA VAL B 177 -1.28 -42.04 -2.64
C VAL B 177 -2.50 -42.00 -1.72
N LEU B 178 -2.25 -42.11 -0.41
CA LEU B 178 -3.30 -41.90 0.59
C LEU B 178 -3.12 -40.54 1.24
N SER B 179 -4.21 -39.78 1.34
CA SER B 179 -4.16 -38.42 1.85
C SER B 179 -5.43 -38.10 2.65
N PRO B 180 -5.47 -38.52 3.93
CA PRO B 180 -6.68 -38.44 4.75
C PRO B 180 -7.18 -37.01 5.03
N ASP B 181 -6.25 -36.05 5.07
CA ASP B 181 -6.63 -34.64 5.25
C ASP B 181 -7.08 -34.06 3.92
N ALA B 182 -8.38 -33.77 3.80
CA ALA B 182 -8.92 -33.14 2.60
C ALA B 182 -9.36 -31.69 2.88
N SER B 183 -8.82 -31.09 3.94
CA SER B 183 -9.13 -29.70 4.26
C SER B 183 -8.33 -28.71 3.39
N SER B 184 -7.32 -29.22 2.67
CA SER B 184 -6.60 -28.42 1.69
C SER B 184 -5.88 -29.26 0.64
N TRP B 185 -5.40 -28.59 -0.40
CA TRP B 185 -4.65 -29.23 -1.47
C TRP B 185 -3.18 -29.42 -1.14
N ALA B 186 -2.72 -28.82 -0.06
CA ALA B 186 -1.31 -28.84 0.27
C ALA B 186 -0.73 -30.28 0.43
N PRO B 187 -1.47 -31.17 1.12
CA PRO B 187 -0.91 -32.52 1.26
C PRO B 187 -0.67 -33.22 -0.08
N LEU B 188 -1.64 -33.18 -0.98
CA LEU B 188 -1.47 -33.82 -2.28
C LEU B 188 -0.44 -33.12 -3.14
N LEU B 189 -0.43 -31.79 -3.10
CA LEU B 189 0.57 -31.05 -3.83
C LEU B 189 1.96 -31.37 -3.29
N ASP B 190 2.04 -31.58 -1.98
CA ASP B 190 3.32 -31.93 -1.35
C ASP B 190 3.76 -33.34 -1.77
N ALA B 191 2.82 -34.26 -1.84
CA ALA B 191 3.10 -35.60 -2.38
C ALA B 191 3.62 -35.53 -3.84
N VAL B 192 2.95 -34.77 -4.68
CA VAL B 192 3.38 -34.64 -6.06
C VAL B 192 4.81 -34.12 -6.12
N MET B 193 5.07 -33.05 -5.41
CA MET B 193 6.33 -32.37 -5.54
C MET B 193 7.45 -33.09 -4.79
N SER B 194 7.07 -33.98 -3.86
CA SER B 194 8.04 -34.86 -3.20
C SER B 194 8.36 -36.11 -4.03
N ILE B 195 7.38 -36.62 -4.78
CA ILE B 195 7.56 -37.88 -5.54
C ILE B 195 8.17 -37.57 -6.91
N ALA B 196 7.94 -36.37 -7.42
CA ALA B 196 8.36 -36.07 -8.80
C ALA B 196 9.86 -36.27 -9.04
N PRO B 197 10.80 -35.87 -8.16
CA PRO B 197 12.21 -36.05 -8.47
C PRO B 197 12.59 -37.53 -8.61
N ALA B 198 11.72 -38.44 -8.17
CA ALA B 198 12.00 -39.87 -8.36
C ALA B 198 11.91 -40.28 -9.83
N ALA B 199 11.27 -39.45 -10.67
CA ALA B 199 11.14 -39.75 -12.09
C ALA B 199 12.46 -39.60 -12.85
N PHE B 200 13.39 -38.80 -12.32
CA PHE B 200 14.69 -38.61 -13.00
C PHE B 200 15.47 -39.93 -13.04
N VAL B 201 16.08 -40.22 -14.18
CA VAL B 201 16.90 -41.42 -14.33
C VAL B 201 18.27 -41.22 -13.70
N GLY B 202 18.96 -42.32 -13.47
CA GLY B 202 20.28 -42.26 -12.90
C GLY B 202 20.20 -42.35 -11.40
N LEU B 203 21.33 -42.11 -10.75
CA LEU B 203 21.42 -42.22 -9.32
C LEU B 203 20.49 -41.20 -8.67
N PRO B 204 19.85 -41.58 -7.54
CA PRO B 204 19.00 -40.63 -6.82
C PRO B 204 19.79 -39.44 -6.26
N GLN B 205 19.35 -38.22 -6.60
CA GLN B 205 19.77 -37.02 -5.87
C GLN B 205 18.59 -36.43 -5.17
N LEU B 206 18.84 -35.76 -4.06
CA LEU B 206 17.87 -34.84 -3.50
C LEU B 206 17.74 -33.63 -4.41
N ARG B 207 16.53 -33.36 -4.86
CA ARG B 207 16.25 -32.14 -5.63
C ARG B 207 15.08 -31.43 -5.00
N MET B 208 15.01 -30.12 -5.19
CA MET B 208 13.88 -29.35 -4.70
C MET B 208 13.40 -28.41 -5.78
N VAL B 209 12.09 -28.27 -5.87
CA VAL B 209 11.46 -27.56 -6.97
C VAL B 209 11.70 -26.08 -6.82
N VAL B 210 12.03 -25.41 -7.91
CA VAL B 210 12.29 -23.95 -7.88
C VAL B 210 11.41 -23.20 -8.84
N HIS B 211 10.71 -23.93 -9.71
CA HIS B 211 9.81 -23.31 -10.66
C HIS B 211 8.69 -24.29 -11.08
N VAL B 212 7.49 -23.75 -11.32
CA VAL B 212 6.42 -24.50 -11.93
C VAL B 212 5.67 -23.64 -12.96
N ASP B 213 5.53 -24.16 -14.18
CA ASP B 213 4.90 -23.39 -15.25
C ASP B 213 3.42 -23.21 -15.02
N GLU B 214 2.75 -24.24 -14.52
CA GLU B 214 1.31 -24.16 -14.32
C GLU B 214 0.83 -25.12 -13.28
N ILE B 215 0.03 -24.60 -12.34
CA ILE B 215 -0.65 -25.43 -11.37
C ILE B 215 -2.16 -25.23 -11.46
N THR B 216 -2.88 -26.33 -11.69
CA THR B 216 -4.35 -26.31 -11.77
C THR B 216 -4.92 -27.37 -10.85
N VAL B 217 -5.84 -26.96 -9.97
CA VAL B 217 -6.55 -27.90 -9.10
C VAL B 217 -8.06 -27.70 -9.28
N ASP B 218 -8.81 -28.78 -9.12
CA ASP B 218 -10.27 -28.71 -9.30
C ASP B 218 -10.98 -29.43 -8.17
N GLY B 219 -11.95 -28.74 -7.57
CA GLY B 219 -12.79 -29.35 -6.53
C GLY B 219 -12.06 -29.54 -5.22
N THR B 220 -12.61 -30.36 -4.35
CA THR B 220 -11.95 -30.69 -3.11
C THR B 220 -10.99 -31.85 -3.32
N PRO B 221 -9.87 -31.84 -2.61
CA PRO B 221 -8.90 -32.90 -2.78
C PRO B 221 -9.49 -34.26 -2.37
N PRO B 222 -9.28 -35.30 -3.19
CA PRO B 222 -9.64 -36.65 -2.79
C PRO B 222 -8.71 -37.19 -1.72
N GLU B 223 -9.17 -38.22 -1.01
CA GLU B 223 -8.39 -38.78 0.09
C GLU B 223 -7.60 -39.99 -0.38
N ALA B 224 -7.92 -40.47 -1.58
CA ALA B 224 -7.04 -41.37 -2.29
C ALA B 224 -6.84 -40.86 -3.70
N ALA B 225 -5.63 -40.93 -4.19
CA ALA B 225 -5.30 -40.37 -5.50
C ALA B 225 -4.22 -41.17 -6.14
N THR B 226 -4.12 -41.12 -7.47
CA THR B 226 -2.95 -41.59 -8.15
C THR B 226 -2.20 -40.42 -8.77
N VAL B 227 -0.91 -40.40 -8.55
CA VAL B 227 -0.06 -39.34 -8.99
C VAL B 227 0.80 -39.89 -10.10
N GLU B 228 0.66 -39.30 -11.28
CA GLU B 228 1.57 -39.55 -12.36
C GLU B 228 2.63 -38.47 -12.43
N VAL B 229 3.86 -38.89 -12.63
CA VAL B 229 4.96 -37.99 -12.84
C VAL B 229 5.75 -38.47 -14.05
N ALA B 230 6.02 -37.56 -15.00
CA ALA B 230 6.73 -37.92 -16.22
C ALA B 230 7.79 -36.89 -16.56
N LEU B 231 8.99 -37.35 -16.90
CA LEU B 231 10.02 -36.47 -17.42
C LEU B 231 9.53 -35.78 -18.69
N ASP B 232 9.86 -34.51 -18.83
CA ASP B 232 9.84 -33.88 -20.12
C ASP B 232 10.99 -34.43 -20.96
N PRO B 233 10.66 -35.01 -22.13
CA PRO B 233 11.68 -35.61 -23.01
C PRO B 233 12.68 -34.61 -23.59
N ARG B 234 12.27 -33.35 -23.69
CA ARG B 234 12.99 -32.36 -24.49
C ARG B 234 13.79 -31.36 -23.62
N VAL B 235 13.28 -31.08 -22.43
CA VAL B 235 13.87 -30.06 -21.57
C VAL B 235 14.40 -30.70 -20.28
N ALA B 236 15.64 -30.40 -19.96
CA ALA B 236 16.29 -31.03 -18.83
C ALA B 236 15.68 -30.56 -17.50
N ASP B 237 15.80 -31.41 -16.48
CA ASP B 237 15.45 -31.03 -15.09
C ASP B 237 13.98 -30.65 -14.94
N THR B 238 13.15 -31.16 -15.84
CA THR B 238 11.75 -30.79 -15.91
C THR B 238 10.84 -32.01 -15.84
N VAL B 239 9.81 -31.93 -14.99
CA VAL B 239 8.87 -33.03 -14.80
C VAL B 239 7.44 -32.51 -14.87
N HIS B 240 6.54 -33.33 -15.39
CA HIS B 240 5.12 -32.99 -15.48
C HIS B 240 4.32 -33.95 -14.64
N ALA B 241 3.28 -33.44 -13.96
CA ALA B 241 2.50 -34.26 -13.03
C ALA B 241 1.01 -34.17 -13.32
N LEU B 242 0.32 -35.29 -13.10
CA LEU B 242 -1.13 -35.37 -13.20
C LEU B 242 -1.66 -36.11 -11.99
N VAL B 243 -2.67 -35.55 -11.35
CA VAL B 243 -3.26 -36.19 -10.18
C VAL B 243 -4.70 -36.54 -10.47
N THR B 244 -5.05 -37.81 -10.31
CA THR B 244 -6.43 -38.28 -10.51
C THR B 244 -6.94 -38.91 -9.21
N ASP B 245 -8.26 -38.99 -9.07
CA ASP B 245 -8.87 -39.89 -8.08
C ASP B 245 -8.69 -41.37 -8.50
N GLY B 246 -9.23 -42.29 -7.70
CA GLY B 246 -8.97 -43.72 -7.86
C GLY B 246 -9.50 -44.30 -9.17
N GLU B 247 -10.47 -43.61 -9.77
CA GLU B 247 -11.04 -44.02 -11.04
C GLU B 247 -10.42 -43.28 -12.23
N GLY B 248 -9.41 -42.46 -11.95
CA GLY B 248 -8.59 -41.87 -13.00
C GLY B 248 -9.12 -40.54 -13.55
N ARG B 249 -10.15 -40.00 -12.90
CA ARG B 249 -10.61 -38.63 -13.20
C ARG B 249 -9.56 -37.61 -12.71
N PRO B 250 -9.09 -36.72 -13.62
CA PRO B 250 -8.06 -35.72 -13.25
C PRO B 250 -8.61 -34.70 -12.28
N VAL B 251 -7.87 -34.43 -11.20
CA VAL B 251 -8.27 -33.43 -10.23
C VAL B 251 -7.20 -32.30 -10.07
N ALA B 252 -5.97 -32.57 -10.52
CA ALA B 252 -4.92 -31.56 -10.54
C ALA B 252 -3.91 -31.85 -11.62
N SER B 253 -3.30 -30.80 -12.16
CA SER B 253 -2.08 -30.95 -12.94
C SER B 253 -1.04 -29.93 -12.53
N LEU B 254 0.23 -30.35 -12.56
CA LEU B 254 1.34 -29.45 -12.41
C LEU B 254 2.26 -29.60 -13.60
N ARG B 255 2.28 -28.59 -14.46
CA ARG B 255 3.11 -28.62 -15.66
C ARG B 255 4.43 -27.90 -15.43
N GLY B 256 5.52 -28.53 -15.88
CA GLY B 256 6.81 -27.87 -15.97
C GLY B 256 7.44 -27.63 -14.59
N LEU B 257 7.34 -28.63 -13.71
CA LEU B 257 8.09 -28.61 -12.45
C LEU B 257 9.56 -28.66 -12.77
N ARG B 258 10.32 -27.69 -12.24
CA ARG B 258 11.75 -27.61 -12.51
C ARG B 258 12.54 -27.90 -11.26
N TYR B 259 13.44 -28.89 -11.37
CA TYR B 259 14.19 -29.41 -10.26
C TYR B 259 15.67 -29.44 -10.64
N PRO B 260 16.36 -28.32 -10.45
CA PRO B 260 17.78 -28.26 -10.81
C PRO B 260 18.70 -29.04 -9.86
#